data_7SWO
#
_entry.id   7SWO
#
loop_
_entity.id
_entity.type
_entity.pdbx_description
1 polymer 'Spike protein S1'
2 polymer 'C98C7 Fab heavy chain'
3 polymer 'C98C7 Fab light chain'
#
loop_
_entity_poly.entity_id
_entity_poly.type
_entity_poly.pdbx_seq_one_letter_code
_entity_poly.pdbx_strand_id
1 'polypeptide(L)'
;NLCPFGEVFNATRFASVYAWNRKRISNCVADYSVLYNSASFSTFKCYGVSPTKLNDLCFTNVYADSFVIRGDEVRQIAPG
QTGKIADYNYKLPDDFTGCVIAWNSNNLDSKVGGNYNYLYRLFRKSNLKPFERDISTEIYQAGSTPCNGVEGFNCYFPLQ
SYGFQPTNGVGYQPYRVVVLSFELLHAPATVCGPK
;
A
2 'polypeptide(L)'
;EVQLVESGGGLVQPGGSLRLSCAASGITVSSNYMSWVRQAPGKGLEWVSVIYSGGSTFYADSVKGRFTISRDNSKNTLYL
QMSSLRAEDTAVYYCARDLVVFGMDVWGQGTTVTVSSASTKGPSVFPLAPSSKSTSGGTAALGCLVKDYFPEPVTVSWNS
GALTSGVHTFPAVLQSSGLYSLSSVVTVPSSSLGTQTYICNVNHKPSNTKVDKRVEPKSCDK
;
H
3 'polypeptide(L)'
;EIVLTQSPGTLSLSPGETATLSCRASQSVGSSYLTWYQQKPGQAPRLLIYGASSRATGIPDRFSGSGSGTDFTLTISRLE
PEDFAVYYCQHYGSSPTFGQGTKVEIKRTVAAPSVFIFPPSDEQLKSGTASVVCLLNNFYPREAKVQWKVDNALQSGNSQ
ESVTEQDSKDSTYSLSSTLTLSKADYEKHKVYACEVTHQGLSSPVTKSFNRGEC
;
L
#
# COMPACT_ATOMS: atom_id res chain seq x y z
N ASN A 1 22.80 -37.15 34.65
CA ASN A 1 22.12 -36.91 35.91
C ASN A 1 20.67 -36.46 35.65
N LEU A 2 19.83 -36.62 36.65
CA LEU A 2 18.38 -36.55 36.47
C LEU A 2 17.94 -35.11 36.29
N CYS A 3 17.70 -34.73 35.04
CA CYS A 3 17.14 -33.43 34.69
C CYS A 3 16.21 -33.54 33.50
N PRO A 4 15.18 -32.69 33.43
CA PRO A 4 14.02 -32.95 32.56
C PRO A 4 14.07 -32.29 31.20
N PHE A 5 15.20 -31.76 30.77
CA PHE A 5 15.25 -30.96 29.55
C PHE A 5 14.79 -31.76 28.33
N GLY A 6 14.84 -33.08 28.38
CA GLY A 6 14.44 -33.88 27.23
C GLY A 6 13.00 -33.67 26.82
N GLU A 7 12.08 -33.82 27.76
CA GLU A 7 10.65 -33.82 27.45
C GLU A 7 10.15 -32.43 27.09
N VAL A 8 11.05 -31.44 27.04
CA VAL A 8 10.70 -30.09 26.66
C VAL A 8 11.47 -29.59 25.45
N PHE A 9 12.58 -30.24 25.10
CA PHE A 9 13.32 -29.85 23.91
C PHE A 9 13.09 -30.82 22.74
N ASN A 10 13.30 -32.11 22.95
CA ASN A 10 12.98 -33.13 21.95
C ASN A 10 11.55 -33.64 22.09
N ALA A 11 10.65 -32.82 22.62
CA ALA A 11 9.30 -33.27 22.93
C ALA A 11 8.53 -33.58 21.64
N THR A 12 7.28 -33.99 21.82
CA THR A 12 6.42 -34.36 20.71
C THR A 12 5.13 -33.58 20.74
N ARG A 13 4.70 -33.16 21.94
CA ARG A 13 3.46 -32.43 22.11
C ARG A 13 3.81 -30.98 22.43
N PHE A 14 3.95 -30.18 21.37
CA PHE A 14 4.20 -28.75 21.50
C PHE A 14 2.89 -28.00 21.27
N ALA A 15 2.51 -27.18 22.24
CA ALA A 15 1.21 -26.55 22.21
C ALA A 15 1.29 -25.15 21.62
N SER A 16 0.13 -24.61 21.27
CA SER A 16 0.05 -23.30 20.66
C SER A 16 0.52 -22.23 21.62
N VAL A 17 0.91 -21.09 21.07
CA VAL A 17 1.49 -20.04 21.90
C VAL A 17 0.43 -19.44 22.81
N TYR A 18 -0.82 -19.32 22.36
CA TYR A 18 -1.84 -18.71 23.19
C TYR A 18 -1.95 -19.41 24.53
N ALA A 19 -1.69 -20.71 24.55
CA ALA A 19 -1.72 -21.50 25.77
C ALA A 19 -0.34 -22.10 26.02
N TRP A 20 0.69 -21.26 25.93
CA TRP A 20 2.05 -21.76 26.01
C TRP A 20 2.27 -22.54 27.29
N ASN A 21 2.93 -23.68 27.18
CA ASN A 21 3.03 -24.63 28.28
C ASN A 21 4.12 -24.21 29.25
N ARG A 22 3.73 -23.76 30.43
CA ARG A 22 4.68 -23.57 31.51
C ARG A 22 5.28 -24.91 31.91
N LYS A 23 6.52 -24.87 32.39
CA LYS A 23 7.13 -26.08 32.95
C LYS A 23 8.15 -25.67 33.98
N ARG A 24 7.75 -25.64 35.25
CA ARG A 24 8.68 -25.41 36.34
C ARG A 24 9.40 -26.71 36.64
N ILE A 25 10.71 -26.64 36.84
CA ILE A 25 11.57 -27.82 36.90
C ILE A 25 12.58 -27.69 38.03
N SER A 26 13.24 -28.81 38.32
CA SER A 26 14.36 -28.89 39.25
C SER A 26 15.42 -29.76 38.61
N ASN A 27 16.52 -29.15 38.16
CA ASN A 27 17.40 -29.77 37.17
C ASN A 27 18.33 -30.84 37.74
N CYS A 28 19.30 -31.23 36.92
CA CYS A 28 20.36 -32.15 37.28
C CYS A 28 21.63 -31.35 37.55
N VAL A 29 22.29 -31.65 38.66
CA VAL A 29 23.43 -30.86 39.13
C VAL A 29 24.59 -31.81 39.44
N ALA A 30 25.77 -31.47 38.95
CA ALA A 30 26.99 -32.25 39.11
C ALA A 30 28.15 -31.26 39.18
N ASP A 31 29.36 -31.74 38.92
CA ASP A 31 30.52 -30.86 38.90
C ASP A 31 30.79 -30.26 37.53
N TYR A 32 30.01 -30.62 36.51
CA TYR A 32 30.11 -30.01 35.19
C TYR A 32 28.74 -29.51 34.76
N SER A 33 28.60 -29.10 33.50
CA SER A 33 27.54 -28.19 33.09
C SER A 33 26.16 -28.85 33.11
N VAL A 34 25.16 -28.11 32.63
CA VAL A 34 23.77 -28.55 32.69
C VAL A 34 23.21 -28.93 31.33
N LEU A 35 23.65 -28.32 30.23
CA LEU A 35 23.24 -28.77 28.91
C LEU A 35 24.23 -28.23 27.89
N TYR A 36 24.03 -28.61 26.63
CA TYR A 36 24.76 -28.03 25.52
C TYR A 36 23.82 -27.04 24.83
N ASN A 37 24.40 -25.93 24.36
CA ASN A 37 23.64 -24.94 23.63
C ASN A 37 22.95 -25.57 22.43
N SER A 38 23.74 -26.02 21.46
CA SER A 38 23.19 -26.46 20.20
C SER A 38 24.22 -27.14 19.31
N ALA A 39 23.78 -28.14 18.57
CA ALA A 39 24.51 -28.61 17.41
C ALA A 39 23.76 -28.35 16.11
N SER A 40 22.42 -28.31 16.16
CA SER A 40 21.63 -27.99 14.98
C SER A 40 20.33 -27.33 15.44
N PHE A 41 20.36 -25.99 15.50
CA PHE A 41 19.17 -25.18 15.74
C PHE A 41 19.03 -24.13 14.64
N SER A 42 18.14 -23.17 14.86
CA SER A 42 17.95 -22.05 13.93
C SER A 42 18.22 -20.70 14.55
N THR A 43 17.90 -20.51 15.82
CA THR A 43 18.09 -19.22 16.47
C THR A 43 18.26 -19.47 17.96
N PHE A 44 19.14 -18.70 18.58
CA PHE A 44 19.53 -18.99 19.96
C PHE A 44 20.14 -17.71 20.52
N LYS A 45 19.49 -17.11 21.51
CA LYS A 45 19.98 -15.85 22.06
C LYS A 45 19.73 -15.81 23.55
N CYS A 46 20.79 -15.70 24.34
CA CYS A 46 20.67 -15.68 25.79
C CYS A 46 21.20 -14.37 26.33
N TYR A 47 20.37 -13.68 27.11
CA TYR A 47 20.67 -12.35 27.62
C TYR A 47 21.35 -12.45 28.98
N GLY A 48 21.95 -11.34 29.39
CA GLY A 48 22.62 -11.28 30.67
C GLY A 48 23.90 -12.09 30.66
N VAL A 49 23.79 -13.37 30.35
CA VAL A 49 24.92 -14.27 30.20
C VAL A 49 24.96 -14.73 28.74
N SER A 50 26.17 -14.81 28.19
CA SER A 50 26.32 -15.08 26.77
C SER A 50 25.81 -16.48 26.43
N PRO A 51 25.26 -16.66 25.23
CA PRO A 51 24.62 -17.94 24.89
C PRO A 51 25.54 -19.15 24.88
N THR A 52 26.85 -18.95 24.97
CA THR A 52 27.76 -20.09 25.02
C THR A 52 28.07 -20.56 26.43
N LYS A 53 27.62 -19.84 27.46
CA LYS A 53 28.01 -20.10 28.83
C LYS A 53 26.84 -19.96 29.79
N LEU A 54 25.70 -20.57 29.43
CA LEU A 54 24.50 -20.46 30.27
C LEU A 54 24.74 -20.91 31.70
N ASN A 55 25.60 -21.91 31.90
CA ASN A 55 25.86 -22.46 33.22
C ASN A 55 26.56 -21.48 34.14
N ASP A 56 26.79 -20.24 33.72
CA ASP A 56 27.60 -19.32 34.51
C ASP A 56 26.92 -18.86 35.78
N LEU A 57 25.62 -19.12 35.96
CA LEU A 57 24.94 -18.72 37.18
C LEU A 57 23.86 -19.73 37.54
N CYS A 58 23.89 -20.17 38.80
CA CYS A 58 22.89 -21.11 39.30
C CYS A 58 21.58 -20.39 39.55
N PHE A 59 20.47 -21.10 39.32
CA PHE A 59 19.16 -20.50 39.42
C PHE A 59 18.29 -21.28 40.39
N THR A 60 17.54 -20.55 41.22
CA THR A 60 16.59 -21.19 42.13
C THR A 60 15.50 -21.91 41.36
N ASN A 61 14.97 -21.28 40.31
CA ASN A 61 13.92 -21.89 39.51
C ASN A 61 13.84 -21.18 38.17
N VAL A 62 13.25 -21.88 37.20
CA VAL A 62 13.15 -21.40 35.82
C VAL A 62 11.75 -21.72 35.32
N TYR A 63 11.38 -21.11 34.20
CA TYR A 63 10.16 -21.47 33.50
C TYR A 63 10.48 -21.55 32.02
N ALA A 64 10.35 -22.76 31.45
CA ALA A 64 10.69 -23.00 30.06
C ALA A 64 9.38 -23.01 29.26
N ASP A 65 8.94 -21.82 28.90
CA ASP A 65 7.69 -21.71 28.16
C ASP A 65 7.92 -22.21 26.75
N SER A 66 7.20 -23.25 26.36
CA SER A 66 7.38 -23.88 25.06
C SER A 66 6.16 -23.61 24.19
N PHE A 67 6.41 -23.32 22.93
CA PHE A 67 5.33 -23.07 21.98
C PHE A 67 5.91 -23.14 20.58
N VAL A 68 5.11 -22.77 19.59
CA VAL A 68 5.56 -22.76 18.20
C VAL A 68 5.14 -21.45 17.59
N ILE A 69 6.02 -20.85 16.79
CA ILE A 69 5.72 -19.59 16.12
C ILE A 69 6.28 -19.65 14.71
N ARG A 70 6.09 -18.56 13.97
CA ARG A 70 6.65 -18.48 12.63
C ARG A 70 8.16 -18.32 12.71
N GLY A 71 8.80 -18.22 11.56
CA GLY A 71 10.24 -18.05 11.55
C GLY A 71 10.64 -16.68 12.04
N ASP A 72 10.30 -15.66 11.25
CA ASP A 72 10.73 -14.31 11.57
C ASP A 72 10.17 -13.81 12.90
N GLU A 73 9.08 -14.39 13.38
CA GLU A 73 8.46 -13.93 14.61
C GLU A 73 9.31 -14.22 15.83
N VAL A 74 10.33 -15.06 15.70
CA VAL A 74 11.31 -15.20 16.78
C VAL A 74 11.93 -13.85 17.09
N ARG A 75 12.09 -13.02 16.05
CA ARG A 75 12.42 -11.61 16.21
C ARG A 75 11.68 -10.98 17.36
N GLN A 76 10.34 -11.06 17.34
CA GLN A 76 9.52 -10.42 18.35
C GLN A 76 9.30 -11.28 19.57
N ILE A 77 10.21 -12.21 19.84
CA ILE A 77 10.24 -12.85 21.14
C ILE A 77 11.19 -12.13 22.08
N ALA A 78 12.23 -11.50 21.54
CA ALA A 78 13.25 -10.87 22.37
C ALA A 78 12.64 -9.73 23.18
N PRO A 79 13.13 -9.52 24.40
CA PRO A 79 12.61 -8.43 25.22
C PRO A 79 12.98 -7.08 24.64
N GLY A 80 12.09 -6.13 24.82
CA GLY A 80 12.32 -4.79 24.34
C GLY A 80 11.51 -4.42 23.12
N GLN A 81 11.33 -5.36 22.20
CA GLN A 81 10.48 -5.13 21.05
C GLN A 81 9.05 -5.58 21.33
N THR A 82 8.14 -5.09 20.50
CA THR A 82 6.71 -5.07 20.80
C THR A 82 5.90 -5.58 19.63
N GLY A 83 6.32 -6.70 19.06
CA GLY A 83 5.60 -7.29 17.96
C GLY A 83 4.25 -7.84 18.40
N LYS A 84 3.65 -8.62 17.51
CA LYS A 84 2.30 -9.12 17.75
C LYS A 84 2.29 -10.19 18.82
N ILE A 85 3.34 -11.00 18.89
CA ILE A 85 3.45 -11.97 19.97
C ILE A 85 3.79 -11.29 21.29
N ALA A 86 4.59 -10.22 21.25
CA ALA A 86 5.03 -9.58 22.48
C ALA A 86 3.88 -8.93 23.23
N ASP A 87 2.92 -8.34 22.53
CA ASP A 87 1.84 -7.68 23.23
C ASP A 87 0.75 -8.64 23.69
N TYR A 88 0.38 -9.59 22.89
CA TYR A 88 -0.81 -10.31 23.31
C TYR A 88 -0.56 -11.77 23.62
N ASN A 89 0.27 -12.45 22.86
CA ASN A 89 0.49 -13.87 23.09
C ASN A 89 1.59 -14.15 24.09
N TYR A 90 2.68 -13.41 24.05
CA TYR A 90 3.78 -13.69 24.95
C TYR A 90 4.69 -12.49 25.10
N LYS A 91 4.71 -11.88 26.29
CA LYS A 91 5.66 -10.80 26.55
C LYS A 91 6.85 -11.30 27.36
N LEU A 92 8.04 -10.88 26.93
CA LEU A 92 9.16 -10.95 27.83
C LEU A 92 9.37 -9.56 28.45
N PRO A 93 9.62 -9.48 29.76
CA PRO A 93 9.71 -8.17 30.41
C PRO A 93 10.92 -7.40 29.89
N ASP A 94 10.77 -6.07 29.88
CA ASP A 94 11.77 -5.23 29.22
C ASP A 94 13.13 -5.35 29.90
N ASP A 95 13.17 -5.73 31.16
CA ASP A 95 14.41 -5.91 31.91
C ASP A 95 14.52 -7.39 32.24
N PHE A 96 15.12 -8.15 31.32
CA PHE A 96 15.09 -9.60 31.42
C PHE A 96 16.46 -10.20 31.09
N THR A 97 16.85 -11.18 31.89
CA THR A 97 17.99 -12.04 31.58
C THR A 97 17.54 -13.48 31.65
N GLY A 98 17.69 -14.20 30.54
CA GLY A 98 17.23 -15.56 30.38
C GLY A 98 17.73 -16.08 29.06
N CYS A 99 16.90 -16.79 28.29
CA CYS A 99 17.37 -17.14 26.95
C CYS A 99 16.19 -17.58 26.10
N VAL A 100 16.41 -17.60 24.79
CA VAL A 100 15.42 -18.01 23.82
C VAL A 100 16.07 -18.99 22.86
N ILE A 101 15.33 -20.06 22.52
CA ILE A 101 15.79 -21.08 21.59
C ILE A 101 14.69 -21.32 20.58
N ALA A 102 15.07 -21.49 19.31
CA ALA A 102 14.08 -21.70 18.26
C ALA A 102 14.67 -22.58 17.18
N TRP A 103 14.11 -23.77 17.02
CA TRP A 103 14.59 -24.70 16.00
C TRP A 103 13.49 -24.95 14.98
N ASN A 104 13.88 -25.05 13.71
CA ASN A 104 12.89 -25.25 12.66
C ASN A 104 12.18 -26.57 12.87
N SER A 105 10.91 -26.62 12.46
CA SER A 105 10.08 -27.78 12.72
C SER A 105 9.17 -28.11 11.54
N ASN A 106 9.62 -27.85 10.31
CA ASN A 106 8.83 -28.26 9.16
C ASN A 106 8.73 -29.77 9.07
N ASN A 107 9.81 -30.47 9.37
CA ASN A 107 9.87 -31.91 9.22
C ASN A 107 8.93 -32.65 10.16
N LEU A 108 8.39 -31.98 11.17
CA LEU A 108 7.52 -32.60 12.15
C LEU A 108 6.13 -32.00 12.17
N ASP A 109 6.03 -30.68 12.28
CA ASP A 109 4.78 -30.01 12.61
C ASP A 109 3.97 -29.61 11.38
N SER A 110 4.47 -29.84 10.18
CA SER A 110 3.82 -29.40 8.96
C SER A 110 3.07 -30.56 8.33
N LYS A 111 1.75 -30.43 8.22
CA LYS A 111 0.92 -31.40 7.52
C LYS A 111 0.70 -30.91 6.10
N VAL A 112 1.00 -31.78 5.13
CA VAL A 112 0.76 -31.43 3.74
C VAL A 112 -0.71 -31.07 3.56
N GLY A 113 -0.96 -30.06 2.74
CA GLY A 113 -2.30 -29.55 2.55
C GLY A 113 -2.78 -28.58 3.59
N GLY A 114 -1.99 -28.30 4.61
CA GLY A 114 -2.32 -27.27 5.58
C GLY A 114 -2.65 -27.79 6.97
N ASN A 115 -1.67 -27.75 7.86
CA ASN A 115 -1.90 -28.06 9.26
C ASN A 115 -2.59 -26.89 9.94
N TYR A 116 -3.48 -27.18 10.87
CA TYR A 116 -4.17 -26.10 11.56
C TYR A 116 -4.33 -26.41 13.04
N ASN A 117 -3.44 -27.20 13.60
CA ASN A 117 -3.48 -27.53 15.01
C ASN A 117 -2.83 -26.48 15.88
N TYR A 118 -2.40 -25.36 15.31
CA TYR A 118 -1.62 -24.37 16.04
C TYR A 118 -2.31 -23.01 15.97
N LEU A 119 -2.61 -22.44 17.13
CA LEU A 119 -3.33 -21.18 17.25
C LEU A 119 -2.52 -20.16 18.02
N TYR A 120 -3.03 -18.94 18.04
CA TYR A 120 -2.33 -17.82 18.65
C TYR A 120 -3.34 -16.72 18.87
N ARG A 121 -3.33 -16.11 20.05
CA ARG A 121 -4.33 -15.11 20.39
C ARG A 121 -4.07 -13.88 19.56
N LEU A 122 -4.88 -13.67 18.53
CA LEU A 122 -4.65 -12.52 17.67
C LEU A 122 -5.17 -11.25 18.33
N PHE A 123 -6.46 -11.15 18.56
CA PHE A 123 -7.03 -9.97 19.20
C PHE A 123 -7.04 -10.16 20.70
N ARG A 124 -6.81 -9.07 21.40
CA ARG A 124 -6.96 -9.11 22.85
C ARG A 124 -7.01 -7.67 23.30
N LYS A 125 -7.75 -7.40 24.39
CA LYS A 125 -8.18 -6.04 24.67
C LYS A 125 -7.00 -5.10 24.87
N SER A 126 -5.97 -5.53 25.57
CA SER A 126 -4.82 -4.67 25.76
C SER A 126 -3.60 -5.53 26.00
N ASN A 127 -2.47 -4.89 26.22
CA ASN A 127 -1.22 -5.62 26.31
C ASN A 127 -1.22 -6.53 27.53
N LEU A 128 -0.43 -7.60 27.46
CA LEU A 128 -0.19 -8.45 28.62
C LEU A 128 0.95 -7.89 29.45
N LYS A 129 0.73 -7.79 30.76
CA LYS A 129 1.84 -7.74 31.67
C LYS A 129 2.57 -9.09 31.60
N PRO A 130 3.88 -9.10 31.81
CA PRO A 130 4.67 -10.30 31.48
C PRO A 130 4.11 -11.57 32.09
N PHE A 131 4.03 -12.62 31.27
CA PHE A 131 3.70 -13.98 31.70
C PHE A 131 2.32 -14.06 32.35
N GLU A 132 1.31 -13.80 31.53
CA GLU A 132 -0.08 -14.06 31.95
C GLU A 132 -0.80 -14.79 30.82
N ARG A 133 -0.84 -16.12 30.93
CA ARG A 133 -1.59 -16.97 30.00
C ARG A 133 -3.03 -16.51 29.91
N ASP A 134 -3.43 -15.97 28.76
CA ASP A 134 -4.78 -15.44 28.61
C ASP A 134 -5.68 -16.51 28.00
N ILE A 135 -5.63 -17.69 28.63
CA ILE A 135 -6.23 -18.90 28.05
C ILE A 135 -7.67 -18.70 27.63
N SER A 136 -8.35 -17.72 28.19
CA SER A 136 -9.77 -17.51 27.91
C SER A 136 -10.00 -17.24 26.43
N THR A 137 -10.72 -18.16 25.78
CA THR A 137 -11.15 -17.99 24.42
C THR A 137 -12.44 -17.21 24.32
N GLU A 138 -12.76 -16.43 25.34
CA GLU A 138 -13.97 -15.62 25.33
C GLU A 138 -14.00 -14.74 24.10
N ILE A 139 -15.19 -14.58 23.53
CA ILE A 139 -15.40 -13.72 22.38
C ILE A 139 -14.81 -12.35 22.72
N TYR A 140 -14.32 -11.65 21.70
CA TYR A 140 -13.64 -10.37 21.88
C TYR A 140 -14.51 -9.26 21.31
N GLN A 141 -14.75 -8.22 22.11
CA GLN A 141 -15.61 -7.12 21.72
C GLN A 141 -14.74 -5.93 21.37
N ALA A 142 -14.66 -5.61 20.09
CA ALA A 142 -13.92 -4.46 19.61
C ALA A 142 -14.76 -3.19 19.55
N GLY A 143 -16.02 -3.26 19.98
CA GLY A 143 -16.92 -2.13 19.87
C GLY A 143 -17.79 -1.89 21.09
N SER A 144 -18.95 -1.30 20.87
CA SER A 144 -19.83 -0.88 21.95
C SER A 144 -20.84 -1.94 22.36
N THR A 145 -20.92 -3.05 21.65
CA THR A 145 -21.98 -4.03 21.89
C THR A 145 -21.42 -5.39 22.27
N PRO A 146 -21.64 -5.86 23.49
CA PRO A 146 -21.36 -7.27 23.79
C PRO A 146 -22.28 -8.16 22.95
N CYS A 147 -21.81 -9.38 22.69
CA CYS A 147 -22.47 -10.25 21.72
C CYS A 147 -22.96 -11.55 22.35
N ASN A 148 -23.08 -11.60 23.68
CA ASN A 148 -23.52 -12.80 24.38
C ASN A 148 -22.65 -14.01 24.03
N GLY A 149 -21.39 -13.75 23.68
CA GLY A 149 -20.49 -14.82 23.30
C GLY A 149 -20.83 -15.54 22.02
N VAL A 150 -21.31 -14.81 21.01
CA VAL A 150 -21.54 -15.35 19.67
C VAL A 150 -20.92 -14.39 18.66
N GLU A 151 -20.19 -14.94 17.69
CA GLU A 151 -19.45 -14.12 16.75
C GLU A 151 -20.37 -13.24 15.91
N GLY A 152 -19.87 -12.06 15.56
CA GLY A 152 -20.62 -11.13 14.76
C GLY A 152 -19.70 -10.22 13.99
N PHE A 153 -20.20 -9.03 13.66
CA PHE A 153 -19.42 -8.08 12.88
C PHE A 153 -18.17 -7.65 13.63
N ASN A 154 -18.31 -7.33 14.92
CA ASN A 154 -17.18 -6.91 15.74
C ASN A 154 -17.01 -7.81 16.95
N CYS A 155 -17.32 -9.08 16.81
CA CYS A 155 -17.13 -10.05 17.88
C CYS A 155 -16.40 -11.25 17.30
N TYR A 156 -15.13 -11.39 17.65
CA TYR A 156 -14.20 -12.24 16.92
C TYR A 156 -13.58 -13.27 17.84
N PHE A 157 -13.43 -14.47 17.33
CA PHE A 157 -12.64 -15.47 18.02
C PHE A 157 -11.24 -14.91 18.21
N PRO A 158 -10.66 -15.05 19.39
CA PRO A 158 -9.38 -14.38 19.64
C PRO A 158 -8.19 -15.17 19.16
N LEU A 159 -8.32 -16.49 19.08
CA LEU A 159 -7.25 -17.32 18.56
C LEU A 159 -7.41 -17.50 17.05
N GLN A 160 -6.29 -17.60 16.35
CA GLN A 160 -6.27 -17.93 14.94
C GLN A 160 -5.14 -18.90 14.67
N SER A 161 -5.02 -19.32 13.42
CA SER A 161 -4.16 -20.44 13.06
C SER A 161 -3.01 -19.99 12.18
N TYR A 162 -1.86 -20.64 12.38
CA TYR A 162 -0.72 -20.47 11.50
C TYR A 162 -0.92 -21.11 10.13
N GLY A 163 -1.14 -22.43 10.08
CA GLY A 163 -1.40 -23.03 8.79
C GLY A 163 -0.18 -23.47 8.01
N PHE A 164 0.59 -24.41 8.55
CA PHE A 164 1.91 -24.77 8.03
C PHE A 164 1.82 -25.77 6.90
N GLN A 165 1.98 -25.29 5.67
CA GLN A 165 2.30 -26.10 4.52
C GLN A 165 3.79 -26.44 4.53
N PRO A 166 4.21 -27.46 3.78
CA PRO A 166 5.64 -27.80 3.74
C PRO A 166 6.47 -26.99 2.76
N THR A 167 5.85 -26.18 1.92
CA THR A 167 6.55 -25.41 0.90
C THR A 167 6.88 -23.99 1.35
N ASN A 168 6.71 -23.68 2.63
CA ASN A 168 6.75 -22.31 3.08
C ASN A 168 8.16 -21.74 2.99
N GLY A 169 8.25 -20.42 3.12
CA GLY A 169 9.54 -19.75 3.13
C GLY A 169 10.35 -20.12 4.35
N VAL A 170 11.64 -19.79 4.29
CA VAL A 170 12.53 -20.10 5.39
C VAL A 170 12.10 -19.36 6.65
N GLY A 171 11.40 -18.24 6.50
CA GLY A 171 10.88 -17.49 7.60
C GLY A 171 9.47 -17.85 8.02
N TYR A 172 8.90 -18.91 7.45
CA TYR A 172 7.54 -19.33 7.79
C TYR A 172 7.42 -20.77 8.23
N GLN A 173 8.46 -21.57 8.12
CA GLN A 173 8.44 -22.86 8.77
C GLN A 173 8.22 -22.66 10.25
N PRO A 174 7.34 -23.42 10.87
CA PRO A 174 7.15 -23.27 12.31
C PRO A 174 8.44 -23.51 13.06
N TYR A 175 8.97 -22.48 13.68
CA TYR A 175 10.06 -22.70 14.61
C TYR A 175 9.46 -23.03 15.96
N ARG A 176 9.75 -24.23 16.43
CA ARG A 176 9.43 -24.57 17.81
C ARG A 176 10.34 -23.75 18.70
N VAL A 177 9.75 -22.96 19.59
CA VAL A 177 10.49 -22.05 20.45
C VAL A 177 10.33 -22.50 21.88
N VAL A 178 11.42 -22.44 22.62
CA VAL A 178 11.42 -22.65 24.06
C VAL A 178 12.15 -21.47 24.68
N VAL A 179 11.50 -20.78 25.60
CA VAL A 179 12.07 -19.58 26.20
C VAL A 179 12.26 -19.84 27.69
N LEU A 180 13.49 -19.69 28.15
CA LEU A 180 13.83 -19.92 29.55
C LEU A 180 13.81 -18.60 30.27
N SER A 181 12.84 -18.43 31.17
CA SER A 181 12.81 -17.30 32.10
C SER A 181 13.48 -17.74 33.40
N PHE A 182 14.60 -17.10 33.73
CA PHE A 182 15.31 -17.40 34.95
C PHE A 182 14.80 -16.50 36.07
N GLU A 183 14.02 -17.08 36.97
CA GLU A 183 13.41 -16.33 38.05
C GLU A 183 14.48 -15.90 39.06
N LEU A 184 14.18 -14.87 39.83
CA LEU A 184 15.12 -14.35 40.82
C LEU A 184 14.62 -14.45 42.25
N LEU A 185 13.53 -15.18 42.50
CA LEU A 185 13.05 -15.33 43.86
C LEU A 185 14.11 -16.02 44.71
N HIS A 186 14.18 -15.62 45.98
CA HIS A 186 15.33 -15.91 46.84
C HIS A 186 15.00 -17.08 47.77
N ALA A 187 15.41 -18.26 47.34
CA ALA A 187 15.26 -19.53 48.03
C ALA A 187 16.54 -20.32 47.83
N PRO A 188 16.69 -21.52 48.40
CA PRO A 188 17.83 -22.37 48.02
C PRO A 188 17.82 -22.64 46.52
N ALA A 189 19.01 -22.63 45.93
CA ALA A 189 19.14 -22.71 44.48
C ALA A 189 19.09 -24.15 43.99
N THR A 190 18.32 -24.37 42.92
CA THR A 190 18.11 -25.70 42.37
C THR A 190 18.69 -25.86 40.98
N VAL A 191 18.28 -25.03 40.02
CA VAL A 191 18.62 -25.26 38.62
C VAL A 191 20.02 -24.71 38.35
N CYS A 192 20.98 -25.62 38.13
CA CYS A 192 22.28 -25.28 37.54
C CYS A 192 23.13 -26.51 37.25
N GLY A 193 24.36 -26.28 36.79
CA GLY A 193 25.22 -27.32 36.29
C GLY A 193 26.32 -27.71 37.26
N PRO A 194 27.52 -27.17 37.04
CA PRO A 194 28.69 -27.62 37.80
C PRO A 194 28.66 -27.27 39.27
N LYS A 195 29.74 -27.63 39.97
CA LYS A 195 29.91 -27.37 41.40
C LYS A 195 29.69 -25.90 41.72
N GLU B 1 -23.67 2.79 8.90
CA GLU B 1 -23.71 3.02 10.35
C GLU B 1 -22.39 2.67 11.01
N VAL B 2 -21.32 2.65 10.23
CA VAL B 2 -19.98 2.41 10.74
C VAL B 2 -18.95 2.94 9.76
N GLN B 3 -17.98 3.70 10.26
CA GLN B 3 -16.98 4.30 9.37
C GLN B 3 -15.94 5.03 10.21
N LEU B 4 -14.83 5.36 9.55
CA LEU B 4 -13.68 6.04 10.13
C LEU B 4 -13.59 7.41 9.49
N VAL B 5 -13.94 8.45 10.25
CA VAL B 5 -13.82 9.81 9.74
C VAL B 5 -12.36 10.12 9.50
N GLU B 6 -12.07 10.66 8.32
CA GLU B 6 -10.73 11.11 7.95
C GLU B 6 -10.78 12.60 7.66
N SER B 7 -9.85 13.34 8.25
CA SER B 7 -9.82 14.78 8.03
C SER B 7 -8.39 15.30 8.24
N GLY B 8 -8.17 16.53 7.82
CA GLY B 8 -6.91 17.19 8.12
C GLY B 8 -5.85 17.01 7.06
N GLY B 9 -6.15 17.37 5.82
CA GLY B 9 -5.18 17.31 4.76
C GLY B 9 -3.95 18.16 5.06
N GLY B 10 -2.96 18.15 4.18
CA GLY B 10 -1.76 18.89 4.51
C GLY B 10 -1.02 19.48 3.33
N LEU B 11 -0.48 20.69 3.52
CA LEU B 11 0.31 21.37 2.50
C LEU B 11 1.54 21.93 3.21
N VAL B 12 2.69 21.26 3.08
CA VAL B 12 3.81 21.54 3.97
C VAL B 12 5.13 21.57 3.21
N GLN B 13 6.09 22.30 3.77
CA GLN B 13 7.49 22.30 3.36
C GLN B 13 8.20 21.08 3.93
N PRO B 14 9.24 20.60 3.24
CA PRO B 14 9.98 19.45 3.75
C PRO B 14 10.62 19.76 5.09
N GLY B 15 10.71 18.73 5.93
CA GLY B 15 11.26 18.88 7.25
C GLY B 15 10.30 19.42 8.29
N GLY B 16 9.07 19.75 7.90
CA GLY B 16 8.11 20.30 8.82
C GLY B 16 7.37 19.22 9.59
N SER B 17 6.28 19.64 10.23
CA SER B 17 5.41 18.73 10.97
C SER B 17 3.97 19.02 10.61
N LEU B 18 3.14 17.98 10.73
CA LEU B 18 1.78 18.07 10.24
C LEU B 18 0.95 17.04 11.00
N ARG B 19 -0.38 17.15 10.92
CA ARG B 19 -1.22 16.18 11.59
C ARG B 19 -2.47 15.86 10.77
N LEU B 20 -2.96 14.63 10.96
CA LEU B 20 -4.14 14.12 10.28
C LEU B 20 -4.98 13.34 11.28
N SER B 21 -6.30 13.37 11.07
CA SER B 21 -7.27 12.93 12.07
C SER B 21 -8.10 11.76 11.57
N CYS B 22 -8.22 10.74 12.40
CA CYS B 22 -9.08 9.58 12.20
C CYS B 22 -10.00 9.48 13.41
N ALA B 23 -11.28 9.17 13.17
CA ALA B 23 -12.26 9.15 14.26
C ALA B 23 -13.24 8.02 14.04
N ALA B 24 -13.33 7.10 15.00
CA ALA B 24 -14.10 5.88 14.78
C ALA B 24 -15.58 6.09 15.07
N SER B 25 -16.42 5.34 14.34
CA SER B 25 -17.85 5.26 14.62
C SER B 25 -18.21 3.79 14.81
N GLY B 26 -18.48 3.40 16.06
CA GLY B 26 -18.72 2.01 16.38
C GLY B 26 -17.46 1.31 16.85
N ILE B 27 -16.43 1.31 15.98
CA ILE B 27 -15.11 0.86 16.39
C ILE B 27 -14.66 1.61 17.63
N THR B 28 -14.02 0.88 18.54
CA THR B 28 -13.33 1.46 19.69
C THR B 28 -11.84 1.34 19.40
N VAL B 29 -11.24 2.45 18.93
CA VAL B 29 -9.85 2.42 18.50
C VAL B 29 -8.93 1.93 19.60
N SER B 30 -9.37 1.95 20.84
CA SER B 30 -8.58 1.35 21.89
C SER B 30 -8.69 -0.17 21.90
N SER B 31 -9.31 -0.75 20.88
CA SER B 31 -9.49 -2.19 20.84
C SER B 31 -9.27 -2.73 19.43
N ASN B 32 -8.27 -2.21 18.72
CA ASN B 32 -8.05 -2.59 17.34
C ASN B 32 -6.60 -2.41 16.94
N TYR B 33 -6.24 -3.09 15.84
CA TYR B 33 -5.02 -2.80 15.11
C TYR B 33 -5.37 -1.72 14.10
N MET B 34 -5.11 -0.47 14.44
CA MET B 34 -5.38 0.57 13.46
C MET B 34 -4.10 0.79 12.65
N SER B 35 -4.26 1.19 11.39
CA SER B 35 -3.07 1.33 10.57
C SER B 35 -3.27 2.34 9.47
N TRP B 36 -2.27 3.17 9.26
CA TRP B 36 -2.23 4.14 8.18
C TRP B 36 -1.43 3.59 7.03
N VAL B 37 -1.97 3.73 5.83
CA VAL B 37 -1.23 3.42 4.61
C VAL B 37 -1.25 4.66 3.73
N ARG B 38 -0.42 4.65 2.69
CA ARG B 38 -0.35 5.79 1.80
C ARG B 38 -0.25 5.32 0.36
N GLN B 39 -0.96 6.02 -0.50
CA GLN B 39 -0.75 5.94 -1.94
C GLN B 39 0.13 7.10 -2.35
N ALA B 40 1.29 6.80 -2.92
CA ALA B 40 2.07 7.85 -3.55
C ALA B 40 1.24 8.39 -4.71
N PRO B 41 1.65 9.45 -5.40
CA PRO B 41 0.82 9.92 -6.51
C PRO B 41 0.77 8.90 -7.63
N GLY B 42 -0.36 8.21 -7.76
CA GLY B 42 -0.57 7.25 -8.81
C GLY B 42 0.46 6.14 -8.88
N LYS B 43 0.90 5.64 -7.72
CA LYS B 43 2.01 4.69 -7.71
C LYS B 43 1.87 3.77 -6.52
N GLY B 44 1.64 2.48 -6.78
CA GLY B 44 1.61 1.47 -5.76
C GLY B 44 0.65 1.80 -4.64
N LEU B 45 0.84 1.09 -3.54
CA LEU B 45 0.10 1.38 -2.32
C LEU B 45 0.95 0.88 -1.16
N GLU B 46 1.62 1.82 -0.49
CA GLU B 46 2.56 1.50 0.56
C GLU B 46 1.86 1.55 1.91
N TRP B 47 2.01 0.50 2.70
CA TRP B 47 1.61 0.56 4.09
C TRP B 47 2.61 1.40 4.87
N VAL B 48 2.11 2.21 5.80
CA VAL B 48 2.92 3.21 6.50
C VAL B 48 3.16 2.81 7.94
N SER B 49 2.10 2.68 8.74
CA SER B 49 2.28 2.46 10.16
C SER B 49 1.09 1.73 10.73
N VAL B 50 1.29 1.16 11.92
CA VAL B 50 0.25 0.46 12.65
C VAL B 50 0.37 0.78 14.12
N ILE B 51 -0.76 1.03 14.76
CA ILE B 51 -0.88 1.14 16.21
C ILE B 51 -1.70 -0.05 16.69
N TYR B 52 -1.19 -0.73 17.70
CA TYR B 52 -1.88 -1.93 18.14
C TYR B 52 -3.06 -1.56 19.04
N SER B 53 -3.81 -2.56 19.47
CA SER B 53 -4.85 -2.33 20.47
C SER B 53 -4.25 -1.63 21.68
N GLY B 54 -3.28 -2.27 22.32
CA GLY B 54 -2.42 -1.55 23.23
C GLY B 54 -1.54 -0.58 22.49
N GLY B 55 -1.00 0.39 23.23
CA GLY B 55 -0.09 1.34 22.63
C GLY B 55 1.19 0.68 22.16
N SER B 56 1.32 0.53 20.84
CA SER B 56 2.54 0.02 20.23
C SER B 56 2.50 0.35 18.75
N THR B 57 3.52 1.02 18.25
CA THR B 57 3.57 1.46 16.88
C THR B 57 4.62 0.68 16.10
N PHE B 58 4.31 0.39 14.84
CA PHE B 58 5.26 -0.19 13.90
C PHE B 58 5.14 0.57 12.60
N TYR B 59 6.21 1.21 12.18
CA TYR B 59 6.19 2.06 10.99
C TYR B 59 6.83 1.33 9.82
N ALA B 60 6.49 1.78 8.61
CA ALA B 60 7.16 1.27 7.42
C ALA B 60 8.63 1.63 7.48
N ASP B 61 9.46 0.79 6.84
CA ASP B 61 10.90 0.97 6.99
C ASP B 61 11.39 2.22 6.28
N SER B 62 10.61 2.78 5.36
CA SER B 62 10.98 4.02 4.70
C SER B 62 10.50 5.26 5.45
N VAL B 63 9.71 5.10 6.49
CA VAL B 63 9.27 6.24 7.30
C VAL B 63 9.57 5.93 8.75
N LYS B 64 10.60 5.13 9.00
CA LYS B 64 10.94 4.73 10.35
C LYS B 64 11.36 5.93 11.19
N GLY B 65 10.76 6.07 12.37
CA GLY B 65 11.16 7.07 13.33
C GLY B 65 10.65 8.46 13.04
N ARG B 66 10.48 8.80 11.76
CA ARG B 66 10.16 10.17 11.38
C ARG B 66 8.71 10.53 11.62
N PHE B 67 7.82 9.56 11.71
CA PHE B 67 6.40 9.81 11.94
C PHE B 67 6.04 9.44 13.38
N THR B 68 4.79 9.69 13.74
CA THR B 68 4.23 9.20 14.99
C THR B 68 2.75 8.90 14.81
N ILE B 69 2.32 7.81 15.42
CA ILE B 69 0.92 7.40 15.46
C ILE B 69 0.47 7.49 16.90
N SER B 70 -0.57 8.26 17.16
CA SER B 70 -0.97 8.46 18.55
C SER B 70 -2.47 8.29 18.71
N ARG B 71 -2.90 8.26 19.97
CA ARG B 71 -4.22 7.83 20.34
C ARG B 71 -4.91 8.86 21.22
N ASP B 72 -6.25 8.91 21.12
CA ASP B 72 -7.10 9.63 22.07
C ASP B 72 -8.26 8.68 22.36
N ASN B 73 -8.06 7.79 23.33
CA ASN B 73 -9.12 6.86 23.70
C ASN B 73 -10.31 7.61 24.27
N SER B 74 -10.05 8.70 25.00
CA SER B 74 -11.14 9.44 25.65
C SER B 74 -12.14 9.94 24.64
N LYS B 75 -11.67 10.51 23.52
CA LYS B 75 -12.55 11.02 22.49
C LYS B 75 -12.43 10.22 21.19
N ASN B 76 -11.83 9.03 21.25
CA ASN B 76 -11.89 8.04 20.18
C ASN B 76 -11.31 8.63 18.89
N THR B 77 -10.01 8.87 18.93
CA THR B 77 -9.32 9.50 17.82
C THR B 77 -7.97 8.82 17.58
N LEU B 78 -7.56 8.82 16.32
CA LEU B 78 -6.27 8.32 15.89
C LEU B 78 -5.54 9.42 15.15
N TYR B 79 -4.30 9.70 15.55
CA TYR B 79 -3.57 10.85 15.08
C TYR B 79 -2.37 10.40 14.28
N LEU B 80 -2.20 11.00 13.10
CA LEU B 80 -0.94 10.95 12.36
C LEU B 80 -0.22 12.26 12.58
N GLN B 81 0.94 12.20 13.23
CA GLN B 81 1.75 13.38 13.47
C GLN B 81 3.07 13.19 12.73
N MET B 82 3.24 13.97 11.68
CA MET B 82 4.29 13.78 10.69
C MET B 82 5.42 14.76 10.98
N SER B 83 6.65 14.24 11.07
CA SER B 83 7.80 15.06 11.41
C SER B 83 8.94 14.83 10.43
N SER B 84 9.66 15.90 10.10
CA SER B 84 10.81 15.85 9.21
C SER B 84 10.44 15.19 7.88
N LEU B 85 9.54 15.86 7.16
CA LEU B 85 8.95 15.27 5.98
C LEU B 85 9.93 15.32 4.81
N ARG B 86 9.52 14.74 3.68
CA ARG B 86 10.40 14.59 2.53
C ARG B 86 9.57 14.70 1.26
N ALA B 87 10.26 14.96 0.16
CA ALA B 87 9.58 15.39 -1.07
C ALA B 87 8.61 14.32 -1.58
N GLU B 88 9.05 13.06 -1.60
CA GLU B 88 8.25 12.00 -2.19
C GLU B 88 7.02 11.65 -1.36
N ASP B 89 7.00 11.99 -0.07
CA ASP B 89 5.90 11.58 0.78
C ASP B 89 4.58 12.24 0.42
N THR B 90 4.53 13.05 -0.64
CA THR B 90 3.23 13.46 -1.15
C THR B 90 2.42 12.22 -1.48
N ALA B 91 1.19 12.19 -1.01
CA ALA B 91 0.46 10.93 -1.00
C ALA B 91 -0.98 11.21 -0.59
N VAL B 92 -1.76 10.14 -0.55
CA VAL B 92 -3.06 10.10 0.09
C VAL B 92 -2.96 9.10 1.23
N TYR B 93 -3.39 9.50 2.43
CA TYR B 93 -3.21 8.66 3.61
C TYR B 93 -4.54 8.10 4.06
N TYR B 94 -4.54 6.80 4.36
CA TYR B 94 -5.74 6.05 4.74
C TYR B 94 -5.59 5.55 6.17
N CYS B 95 -6.56 5.88 7.01
CA CYS B 95 -6.76 5.20 8.28
C CYS B 95 -7.55 3.92 8.01
N ALA B 96 -7.09 2.80 8.56
CA ALA B 96 -7.69 1.53 8.21
C ALA B 96 -7.76 0.62 9.43
N ARG B 97 -8.96 0.13 9.72
CA ARG B 97 -9.10 -0.91 10.73
C ARG B 97 -8.42 -2.18 10.24
N ASP B 98 -7.82 -2.92 11.15
CA ASP B 98 -6.96 -4.03 10.77
C ASP B 98 -7.30 -5.26 11.58
N LEU B 99 -7.39 -6.39 10.89
CA LEU B 99 -7.61 -7.72 11.48
C LEU B 99 -6.64 -8.60 10.69
N VAL B 100 -5.49 -8.91 11.28
CA VAL B 100 -4.37 -9.36 10.44
C VAL B 100 -4.76 -10.59 9.65
N VAL B 101 -5.46 -11.54 10.29
CA VAL B 101 -5.86 -12.72 9.54
C VAL B 101 -7.06 -12.42 8.67
N PHE B 102 -7.90 -11.46 9.05
CA PHE B 102 -9.04 -11.08 8.23
C PHE B 102 -8.74 -9.89 7.34
N GLY B 103 -7.53 -9.34 7.37
CA GLY B 103 -7.17 -8.23 6.51
C GLY B 103 -7.84 -6.93 6.88
N MET B 104 -7.23 -5.81 6.52
CA MET B 104 -7.79 -4.51 6.87
C MET B 104 -9.17 -4.33 6.26
N ASP B 105 -10.21 -4.34 7.09
CA ASP B 105 -11.57 -4.42 6.61
C ASP B 105 -12.27 -3.07 6.49
N VAL B 106 -11.98 -2.13 7.39
CA VAL B 106 -12.61 -0.81 7.37
C VAL B 106 -11.55 0.24 7.11
N TRP B 107 -11.82 1.11 6.14
CA TRP B 107 -10.85 2.06 5.63
C TRP B 107 -11.46 3.46 5.61
N GLY B 108 -10.69 4.44 6.07
CA GLY B 108 -11.16 5.81 6.08
C GLY B 108 -11.19 6.43 4.70
N GLN B 109 -11.80 7.62 4.63
CA GLN B 109 -11.93 8.29 3.34
C GLN B 109 -10.59 8.67 2.75
N GLY B 110 -9.54 8.75 3.56
CA GLY B 110 -8.24 9.11 3.06
C GLY B 110 -8.12 10.59 2.81
N THR B 111 -7.01 11.19 3.22
CA THR B 111 -6.81 12.62 3.11
C THR B 111 -5.43 12.90 2.54
N THR B 112 -5.35 13.94 1.72
CA THR B 112 -4.17 14.18 0.89
C THR B 112 -3.12 14.97 1.64
N VAL B 113 -1.87 14.55 1.50
CA VAL B 113 -0.73 15.22 2.08
C VAL B 113 0.22 15.60 0.96
N THR B 114 0.67 16.85 0.94
CA THR B 114 1.61 17.33 -0.06
C THR B 114 2.85 17.86 0.66
N VAL B 115 4.01 17.31 0.31
CA VAL B 115 5.28 17.75 0.86
C VAL B 115 6.14 18.22 -0.31
N SER B 116 6.63 19.44 -0.23
CA SER B 116 7.34 20.06 -1.35
C SER B 116 8.00 21.33 -0.87
N SER B 117 9.17 21.63 -1.44
CA SER B 117 9.89 22.86 -1.11
C SER B 117 9.29 24.08 -1.78
N ALA B 118 8.32 23.91 -2.66
CA ALA B 118 7.76 25.05 -3.40
C ALA B 118 6.83 25.83 -2.48
N SER B 119 6.13 26.82 -3.06
CA SER B 119 5.24 27.68 -2.32
C SER B 119 3.95 27.85 -3.10
N THR B 120 2.87 28.15 -2.37
CA THR B 120 1.57 28.36 -3.00
C THR B 120 1.65 29.47 -4.04
N LYS B 121 1.11 29.20 -5.22
CA LYS B 121 1.28 30.14 -6.32
C LYS B 121 0.15 29.87 -7.31
N GLY B 122 -0.46 30.94 -7.81
CA GLY B 122 -1.52 30.83 -8.76
C GLY B 122 -1.05 30.29 -10.10
N PRO B 123 -1.98 30.03 -11.00
CA PRO B 123 -1.64 29.38 -12.26
C PRO B 123 -1.26 30.36 -13.37
N SER B 124 -0.97 29.83 -14.54
CA SER B 124 -0.93 30.62 -15.76
C SER B 124 -1.66 29.84 -16.84
N VAL B 125 -2.51 30.52 -17.59
CA VAL B 125 -3.38 29.88 -18.57
C VAL B 125 -2.86 30.19 -19.96
N PHE B 126 -2.69 29.15 -20.78
CA PHE B 126 -2.27 29.33 -22.17
C PHE B 126 -3.16 28.51 -23.08
N PRO B 127 -3.84 29.12 -24.04
CA PRO B 127 -4.68 28.36 -24.97
C PRO B 127 -3.90 27.27 -25.69
N LEU B 128 -4.67 26.31 -26.22
CA LEU B 128 -4.20 25.25 -27.11
C LEU B 128 -5.19 25.31 -28.25
N ALA B 129 -4.89 26.18 -29.21
CA ALA B 129 -5.80 26.47 -30.31
C ALA B 129 -5.65 25.44 -31.41
N PRO B 130 -6.71 24.78 -31.81
CA PRO B 130 -6.58 23.70 -32.81
C PRO B 130 -6.14 24.24 -34.16
N SER B 131 -5.95 23.33 -35.11
CA SER B 131 -5.57 23.69 -36.47
C SER B 131 -5.94 22.54 -37.38
N SER B 132 -5.41 22.53 -38.60
CA SER B 132 -5.75 21.49 -39.57
C SER B 132 -5.31 20.11 -39.10
N LYS B 133 -4.41 20.02 -38.12
CA LYS B 133 -4.00 18.71 -37.61
C LYS B 133 -5.13 18.03 -36.86
N SER B 134 -5.91 18.78 -36.08
CA SER B 134 -6.98 18.24 -35.26
C SER B 134 -8.35 18.39 -35.90
N THR B 135 -8.41 18.35 -37.24
CA THR B 135 -9.67 18.44 -37.98
C THR B 135 -9.75 17.25 -38.92
N SER B 136 -10.48 16.22 -38.51
CA SER B 136 -10.70 15.04 -39.34
C SER B 136 -11.99 14.39 -38.87
N GLY B 137 -13.04 14.51 -39.69
CA GLY B 137 -14.37 14.15 -39.25
C GLY B 137 -15.01 15.16 -38.33
N GLY B 138 -14.42 16.34 -38.19
CA GLY B 138 -14.92 17.35 -37.28
C GLY B 138 -14.45 17.21 -35.85
N THR B 139 -13.54 16.27 -35.57
CA THR B 139 -13.07 16.07 -34.21
C THR B 139 -12.10 17.17 -33.80
N ALA B 140 -12.61 18.39 -33.72
CA ALA B 140 -11.78 19.53 -33.34
C ALA B 140 -11.39 19.42 -31.87
N ALA B 141 -10.12 19.16 -31.61
CA ALA B 141 -9.61 19.06 -30.24
C ALA B 141 -8.95 20.38 -29.87
N LEU B 142 -9.43 21.02 -28.82
CA LEU B 142 -8.87 22.26 -28.33
C LEU B 142 -8.73 22.19 -26.81
N GLY B 143 -7.69 22.81 -26.28
CA GLY B 143 -7.41 22.73 -24.86
C GLY B 143 -6.98 24.05 -24.27
N CYS B 144 -6.74 24.02 -22.96
CA CYS B 144 -5.96 25.08 -22.35
C CYS B 144 -5.04 24.48 -21.29
N LEU B 145 -3.91 25.13 -21.08
CA LEU B 145 -2.81 24.62 -20.29
C LEU B 145 -2.64 25.47 -19.04
N VAL B 146 -2.45 24.80 -17.91
CA VAL B 146 -2.28 25.43 -16.61
C VAL B 146 -0.82 25.22 -16.23
N LYS B 147 -0.02 26.26 -16.46
CA LYS B 147 1.45 26.14 -16.23
C LYS B 147 1.91 26.86 -14.96
N ASP B 148 2.71 26.16 -14.16
CA ASP B 148 3.35 26.66 -12.94
C ASP B 148 2.32 27.14 -11.92
N TYR B 149 1.26 26.36 -11.76
CA TYR B 149 0.42 26.53 -10.58
C TYR B 149 0.99 25.72 -9.43
N PHE B 150 0.49 25.99 -8.23
CA PHE B 150 0.77 25.17 -7.07
C PHE B 150 -0.15 25.57 -5.93
N PRO B 151 -0.68 24.60 -5.17
CA PRO B 151 -0.55 23.16 -5.39
C PRO B 151 -1.85 22.48 -5.82
N GLU B 152 -1.78 21.17 -6.03
CA GLU B 152 -2.96 20.35 -6.23
C GLU B 152 -3.85 20.45 -4.99
N PRO B 153 -5.18 20.57 -5.14
CA PRO B 153 -5.94 20.45 -6.38
C PRO B 153 -6.23 21.75 -7.09
N VAL B 154 -6.78 21.59 -8.30
CA VAL B 154 -7.38 22.66 -9.08
C VAL B 154 -8.66 22.06 -9.64
N THR B 155 -9.50 22.90 -10.24
CA THR B 155 -10.52 22.38 -11.13
C THR B 155 -10.53 23.17 -12.43
N VAL B 156 -10.96 22.50 -13.49
CA VAL B 156 -11.10 23.09 -14.81
C VAL B 156 -12.48 22.74 -15.33
N SER B 157 -13.16 23.74 -15.88
CA SER B 157 -14.52 23.55 -16.39
C SER B 157 -14.69 24.43 -17.61
N TRP B 158 -15.43 23.97 -18.61
CA TRP B 158 -15.56 24.78 -19.80
C TRP B 158 -17.00 25.21 -20.00
N ASN B 159 -17.22 26.10 -20.97
CA ASN B 159 -18.53 26.70 -21.19
C ASN B 159 -19.02 27.29 -19.88
N SER B 160 -18.13 27.99 -19.18
CA SER B 160 -18.40 28.53 -17.84
C SER B 160 -18.80 27.44 -16.86
N GLY B 161 -18.45 26.19 -17.13
CA GLY B 161 -18.83 25.07 -16.30
C GLY B 161 -20.03 24.28 -16.77
N ALA B 162 -20.53 24.56 -17.97
CA ALA B 162 -21.72 23.89 -18.50
C ALA B 162 -21.40 22.72 -19.41
N LEU B 163 -20.12 22.36 -19.57
CA LEU B 163 -19.70 21.29 -20.48
C LEU B 163 -18.74 20.39 -19.73
N THR B 164 -19.28 19.36 -19.06
CA THR B 164 -18.47 18.38 -18.36
C THR B 164 -18.45 17.04 -19.07
N SER B 165 -19.02 16.95 -20.26
CA SER B 165 -18.95 15.77 -21.10
C SER B 165 -18.17 16.10 -22.36
N GLY B 166 -17.47 15.11 -22.89
CA GLY B 166 -16.51 15.37 -23.94
C GLY B 166 -15.24 16.00 -23.46
N VAL B 167 -15.13 16.29 -22.16
CA VAL B 167 -13.94 16.88 -21.57
C VAL B 167 -12.90 15.79 -21.35
N HIS B 168 -11.64 16.14 -21.53
CA HIS B 168 -10.52 15.30 -21.11
C HIS B 168 -9.58 16.20 -20.32
N THR B 169 -9.54 16.00 -19.01
CA THR B 169 -8.74 16.81 -18.11
C THR B 169 -7.58 15.95 -17.61
N PHE B 170 -6.50 15.98 -18.36
CA PHE B 170 -5.34 15.16 -18.05
C PHE B 170 -4.77 15.59 -16.71
N PRO B 171 -4.43 14.66 -15.81
CA PRO B 171 -3.99 15.04 -14.48
C PRO B 171 -2.75 15.92 -14.51
N ALA B 172 -2.45 16.50 -13.35
CA ALA B 172 -1.27 17.33 -13.21
C ALA B 172 -0.02 16.46 -13.12
N VAL B 173 1.14 17.09 -13.29
CA VAL B 173 2.42 16.41 -13.18
C VAL B 173 3.38 17.29 -12.39
N LEU B 174 4.07 16.69 -11.44
CA LEU B 174 5.10 17.40 -10.67
C LEU B 174 6.41 17.32 -11.44
N GLN B 175 6.90 18.47 -11.88
CA GLN B 175 8.02 18.52 -12.80
C GLN B 175 9.31 18.86 -12.06
N SER B 176 10.39 19.08 -12.84
CA SER B 176 11.69 19.37 -12.26
C SER B 176 11.66 20.65 -11.44
N SER B 177 11.02 21.70 -11.97
CA SER B 177 10.94 22.97 -11.28
C SER B 177 10.19 22.85 -9.95
N GLY B 178 9.39 21.80 -9.77
CA GLY B 178 8.56 21.69 -8.60
C GLY B 178 7.25 22.43 -8.70
N LEU B 179 6.98 23.06 -9.83
CA LEU B 179 5.78 23.87 -10.02
C LEU B 179 4.76 23.04 -10.77
N TYR B 180 3.61 22.80 -10.16
CA TYR B 180 2.63 21.91 -10.76
C TYR B 180 2.11 22.52 -12.06
N SER B 181 1.75 21.64 -12.99
CA SER B 181 1.19 22.05 -14.27
C SER B 181 0.36 20.91 -14.82
N LEU B 182 -0.52 21.25 -15.74
CA LEU B 182 -1.39 20.26 -16.38
C LEU B 182 -2.00 20.92 -17.60
N SER B 183 -2.94 20.22 -18.23
CA SER B 183 -3.72 20.79 -19.32
C SER B 183 -5.09 20.13 -19.31
N SER B 184 -5.94 20.57 -20.23
CA SER B 184 -7.21 19.89 -20.39
C SER B 184 -7.75 20.20 -21.77
N VAL B 185 -8.36 19.19 -22.40
CA VAL B 185 -8.78 19.27 -23.79
C VAL B 185 -10.20 18.77 -23.92
N VAL B 186 -10.94 19.38 -24.86
CA VAL B 186 -12.29 18.95 -25.20
C VAL B 186 -12.36 18.88 -26.73
N THR B 187 -13.41 18.23 -27.22
CA THR B 187 -13.59 18.00 -28.65
C THR B 187 -14.96 18.53 -29.09
N VAL B 188 -14.96 19.19 -30.25
CA VAL B 188 -16.09 19.97 -30.73
C VAL B 188 -16.09 19.92 -32.26
N PRO B 189 -17.23 20.22 -32.89
CA PRO B 189 -17.30 20.16 -34.35
C PRO B 189 -16.40 21.19 -35.03
N SER B 190 -16.12 20.92 -36.31
CA SER B 190 -15.20 21.77 -37.06
C SER B 190 -15.72 23.19 -37.19
N SER B 191 -17.02 23.35 -37.39
CA SER B 191 -17.60 24.69 -37.45
C SER B 191 -17.59 25.38 -36.10
N SER B 192 -17.26 24.67 -35.02
CA SER B 192 -17.22 25.26 -33.69
C SER B 192 -15.86 25.83 -33.32
N LEU B 193 -14.77 25.33 -33.90
CA LEU B 193 -13.45 25.84 -33.54
C LEU B 193 -13.26 27.28 -34.01
N GLY B 194 -13.83 27.63 -35.17
CA GLY B 194 -13.67 28.97 -35.69
C GLY B 194 -14.55 30.01 -35.04
N THR B 195 -15.64 29.60 -34.41
CA THR B 195 -16.55 30.54 -33.75
C THR B 195 -17.42 29.79 -32.75
N GLN B 196 -17.32 30.16 -31.48
CA GLN B 196 -18.27 29.78 -30.43
C GLN B 196 -17.87 30.59 -29.20
N THR B 197 -18.62 30.41 -28.10
CA THR B 197 -18.34 31.10 -26.85
C THR B 197 -17.43 30.22 -25.98
N TYR B 198 -16.14 30.25 -26.33
CA TYR B 198 -15.14 29.38 -25.72
C TYR B 198 -14.57 30.03 -24.47
N ILE B 199 -14.86 29.44 -23.31
CA ILE B 199 -14.26 29.86 -22.04
C ILE B 199 -13.73 28.58 -21.39
N CYS B 200 -12.48 28.59 -20.96
CA CYS B 200 -11.99 27.52 -20.10
C CYS B 200 -11.69 28.12 -18.73
N ASN B 201 -11.98 27.37 -17.68
CA ASN B 201 -12.16 27.91 -16.35
C ASN B 201 -11.24 27.17 -15.40
N VAL B 202 -10.31 27.91 -14.80
CA VAL B 202 -9.34 27.34 -13.87
C VAL B 202 -9.62 27.93 -12.49
N ASN B 203 -9.67 27.07 -11.49
CA ASN B 203 -10.04 27.49 -10.14
C ASN B 203 -9.10 26.83 -9.16
N HIS B 204 -8.33 27.65 -8.44
CA HIS B 204 -7.31 27.17 -7.52
C HIS B 204 -7.57 27.73 -6.13
N LYS B 205 -8.00 26.87 -5.22
CA LYS B 205 -8.36 27.34 -3.87
C LYS B 205 -7.17 27.87 -3.10
N PRO B 206 -6.04 27.16 -2.96
CA PRO B 206 -4.97 27.67 -2.10
C PRO B 206 -4.49 29.06 -2.49
N SER B 207 -4.39 29.34 -3.79
CA SER B 207 -4.11 30.67 -4.28
C SER B 207 -5.38 31.43 -4.62
N ASN B 208 -6.53 30.94 -4.16
CA ASN B 208 -7.86 31.57 -4.23
C ASN B 208 -8.04 32.36 -5.51
N THR B 209 -7.71 31.74 -6.65
CA THR B 209 -7.73 32.41 -7.94
C THR B 209 -8.74 31.72 -8.85
N LYS B 210 -9.64 32.51 -9.42
CA LYS B 210 -10.74 32.01 -10.24
C LYS B 210 -10.63 32.66 -11.61
N VAL B 211 -9.88 32.04 -12.51
CA VAL B 211 -9.60 32.62 -13.82
C VAL B 211 -10.51 31.94 -14.83
N ASP B 212 -11.55 32.66 -15.26
CA ASP B 212 -12.46 32.20 -16.30
C ASP B 212 -11.98 32.72 -17.65
N LYS B 213 -10.91 32.12 -18.15
CA LYS B 213 -10.16 32.80 -19.19
C LYS B 213 -10.67 32.31 -20.56
N ARG B 214 -10.37 33.09 -21.60
CA ARG B 214 -10.88 32.88 -22.94
C ARG B 214 -9.82 32.19 -23.79
N VAL B 215 -10.21 31.11 -24.47
CA VAL B 215 -9.30 30.39 -25.37
C VAL B 215 -9.74 30.68 -26.79
N GLU B 216 -8.79 31.07 -27.63
CA GLU B 216 -9.08 31.62 -28.95
C GLU B 216 -8.23 30.93 -30.00
N PRO B 217 -8.66 30.97 -31.27
CA PRO B 217 -7.75 30.59 -32.36
C PRO B 217 -6.63 31.59 -32.51
N LYS B 218 -5.47 31.09 -32.94
CA LYS B 218 -4.27 31.89 -33.08
C LYS B 218 -3.65 31.67 -34.46
N SER B 219 -2.95 32.69 -34.95
CA SER B 219 -2.32 32.64 -36.26
C SER B 219 -1.11 33.57 -36.33
N ILE C 2 10.30 -9.75 2.27
CA ILE C 2 9.45 -10.54 1.39
C ILE C 2 8.88 -9.64 0.31
N VAL C 3 8.81 -10.14 -0.92
CA VAL C 3 8.34 -9.38 -2.06
C VAL C 3 7.18 -10.14 -2.69
N LEU C 4 6.15 -9.41 -3.10
CA LEU C 4 4.93 -9.99 -3.64
C LEU C 4 4.72 -9.44 -5.04
N THR C 5 5.30 -10.08 -6.04
CA THR C 5 5.00 -9.69 -7.41
C THR C 5 3.57 -10.10 -7.73
N GLN C 6 2.97 -9.46 -8.73
CA GLN C 6 1.57 -9.71 -9.03
C GLN C 6 1.42 -9.86 -10.54
N SER C 7 1.57 -11.08 -11.02
CA SER C 7 1.43 -11.33 -12.43
C SER C 7 -0.05 -11.37 -12.83
N PRO C 8 -0.37 -10.93 -14.06
CA PRO C 8 0.59 -10.27 -14.92
C PRO C 8 0.52 -8.77 -14.71
N GLY C 9 1.05 -7.98 -15.66
CA GLY C 9 1.00 -6.54 -15.52
C GLY C 9 -0.42 -6.00 -15.50
N THR C 10 -1.26 -6.46 -16.42
CA THR C 10 -2.60 -5.90 -16.55
C THR C 10 -3.48 -6.93 -17.22
N LEU C 11 -4.79 -6.84 -16.97
CA LEU C 11 -5.74 -7.82 -17.45
C LEU C 11 -6.97 -7.12 -18.00
N SER C 12 -7.29 -7.36 -19.26
CA SER C 12 -8.42 -6.73 -19.91
C SER C 12 -9.51 -7.77 -20.17
N LEU C 13 -10.76 -7.37 -19.98
CA LEU C 13 -11.86 -8.32 -19.90
C LEU C 13 -13.14 -7.72 -20.45
N SER C 14 -14.11 -8.58 -20.73
CA SER C 14 -15.41 -8.19 -21.24
C SER C 14 -16.49 -8.43 -20.20
N PRO C 15 -17.58 -7.66 -20.24
CA PRO C 15 -18.65 -7.88 -19.24
C PRO C 15 -19.18 -9.29 -19.27
N GLY C 16 -19.36 -9.86 -18.08
CA GLY C 16 -19.80 -11.22 -17.91
C GLY C 16 -18.73 -12.28 -18.01
N GLU C 17 -17.46 -11.89 -18.18
CA GLU C 17 -16.43 -12.87 -18.50
C GLU C 17 -15.65 -13.26 -17.25
N THR C 18 -14.93 -14.36 -17.35
CA THR C 18 -14.15 -14.91 -16.26
C THR C 18 -12.91 -14.07 -16.02
N ALA C 19 -12.16 -14.39 -14.96
CA ALA C 19 -10.92 -13.67 -14.69
C ALA C 19 -10.04 -14.46 -13.74
N THR C 20 -8.74 -14.43 -13.99
CA THR C 20 -7.72 -14.94 -13.08
C THR C 20 -6.62 -13.90 -12.89
N LEU C 21 -6.13 -13.78 -11.67
CA LEU C 21 -5.08 -12.81 -11.34
C LEU C 21 -4.11 -13.50 -10.39
N SER C 22 -2.85 -13.64 -10.81
CA SER C 22 -1.92 -14.56 -10.17
C SER C 22 -0.89 -13.76 -9.38
N CYS C 23 -1.14 -13.61 -8.09
CA CYS C 23 -0.14 -13.05 -7.20
C CYS C 23 0.92 -14.10 -6.94
N ARG C 24 2.18 -13.67 -6.87
CA ARG C 24 3.31 -14.58 -6.82
C ARG C 24 4.33 -14.05 -5.83
N ALA C 25 4.54 -14.78 -4.75
CA ALA C 25 5.51 -14.35 -3.75
C ALA C 25 6.93 -14.55 -4.26
N SER C 26 7.85 -13.76 -3.71
CA SER C 26 9.26 -13.99 -3.99
C SER C 26 9.69 -15.35 -3.45
N GLN C 27 9.40 -15.60 -2.17
CA GLN C 27 9.56 -16.92 -1.60
C GLN C 27 8.36 -17.76 -2.01
N SER C 28 8.22 -18.91 -1.37
CA SER C 28 6.98 -19.66 -1.37
C SER C 28 6.46 -19.64 0.07
N VAL C 29 5.16 -19.36 0.23
CA VAL C 29 4.63 -19.01 1.53
C VAL C 29 3.33 -19.77 1.76
N GLY C 30 2.81 -19.68 2.97
CA GLY C 30 1.51 -20.24 3.27
C GLY C 30 0.39 -19.41 2.71
N SER C 31 -0.82 -19.92 2.88
CA SER C 31 -1.99 -19.34 2.26
C SER C 31 -2.92 -18.64 3.23
N SER C 32 -2.77 -18.86 4.53
CA SER C 32 -3.66 -18.22 5.48
C SER C 32 -3.52 -16.71 5.44
N TYR C 33 -2.28 -16.22 5.38
CA TYR C 33 -2.04 -14.80 5.61
C TYR C 33 -2.47 -13.96 4.41
N LEU C 34 -2.20 -14.43 3.21
CA LEU C 34 -2.35 -13.55 2.05
C LEU C 34 -3.82 -13.16 1.87
N THR C 35 -4.04 -11.92 1.47
CA THR C 35 -5.37 -11.37 1.27
C THR C 35 -5.41 -10.61 -0.03
N TRP C 36 -6.61 -10.35 -0.50
CA TRP C 36 -6.84 -9.69 -1.79
C TRP C 36 -7.78 -8.52 -1.59
N TYR C 37 -7.29 -7.31 -1.87
CA TYR C 37 -8.02 -6.07 -1.76
C TYR C 37 -8.42 -5.55 -3.13
N GLN C 38 -9.51 -4.81 -3.17
CA GLN C 38 -9.97 -4.12 -4.37
C GLN C 38 -9.95 -2.63 -4.11
N GLN C 39 -9.29 -1.88 -4.98
CA GLN C 39 -9.29 -0.43 -4.92
C GLN C 39 -9.98 0.12 -6.16
N LYS C 40 -11.00 0.95 -5.94
CA LYS C 40 -11.53 1.75 -7.02
C LYS C 40 -10.57 2.89 -7.32
N PRO C 41 -10.68 3.52 -8.47
CA PRO C 41 -9.75 4.61 -8.78
C PRO C 41 -10.01 5.85 -7.92
N GLY C 42 -9.12 6.08 -6.95
CA GLY C 42 -9.25 7.23 -6.07
C GLY C 42 -9.86 6.91 -4.73
N GLN C 43 -10.84 6.02 -4.70
CA GLN C 43 -11.57 5.72 -3.47
C GLN C 43 -10.67 4.91 -2.53
N ALA C 44 -11.23 4.47 -1.44
CA ALA C 44 -10.33 3.79 -0.54
C ALA C 44 -10.41 2.28 -0.71
N PRO C 45 -9.27 1.59 -0.58
CA PRO C 45 -9.25 0.14 -0.82
C PRO C 45 -10.08 -0.62 0.19
N ARG C 46 -11.03 -1.39 -0.33
CA ARG C 46 -11.82 -2.30 0.47
C ARG C 46 -11.27 -3.70 0.37
N LEU C 47 -11.85 -4.61 1.13
CA LEU C 47 -11.36 -5.97 1.19
C LEU C 47 -12.23 -6.89 0.34
N LEU C 48 -11.60 -7.91 -0.23
CA LEU C 48 -12.32 -8.95 -0.97
C LEU C 48 -12.11 -10.32 -0.37
N ILE C 49 -10.87 -10.71 -0.13
CA ILE C 49 -10.57 -12.07 0.31
C ILE C 49 -9.65 -12.00 1.51
N TYR C 50 -10.10 -12.56 2.62
CA TYR C 50 -9.24 -12.82 3.76
C TYR C 50 -8.92 -14.31 3.76
N GLY C 51 -7.82 -14.67 4.38
CA GLY C 51 -7.31 -16.03 4.24
C GLY C 51 -7.02 -16.33 2.78
N ALA C 52 -6.72 -17.59 2.51
CA ALA C 52 -6.41 -17.98 1.15
C ALA C 52 -7.55 -17.64 0.21
N SER C 53 -8.75 -18.09 0.54
CA SER C 53 -9.91 -17.89 -0.34
C SER C 53 -11.17 -17.55 0.43
N SER C 54 -11.08 -17.30 1.74
CA SER C 54 -12.27 -17.08 2.55
C SER C 54 -12.89 -15.74 2.21
N ARG C 55 -13.99 -15.76 1.47
CA ARG C 55 -14.70 -14.53 1.14
C ARG C 55 -15.22 -13.87 2.40
N ALA C 56 -15.05 -12.55 2.50
CA ALA C 56 -15.42 -11.82 3.69
C ALA C 56 -16.88 -11.37 3.60
N THR C 57 -17.31 -10.54 4.55
CA THR C 57 -18.69 -10.10 4.60
C THR C 57 -19.02 -9.21 3.41
N GLY C 58 -20.22 -9.38 2.87
CA GLY C 58 -20.65 -8.62 1.72
C GLY C 58 -19.98 -9.00 0.42
N ILE C 59 -19.09 -9.99 0.43
CA ILE C 59 -18.28 -10.34 -0.72
C ILE C 59 -19.07 -11.33 -1.56
N PRO C 60 -19.48 -10.98 -2.78
CA PRO C 60 -20.31 -11.90 -3.57
C PRO C 60 -19.59 -13.21 -3.87
N ASP C 61 -20.38 -14.27 -4.00
CA ASP C 61 -19.85 -15.60 -4.27
C ASP C 61 -19.07 -15.68 -5.56
N ARG C 62 -19.13 -14.65 -6.41
CA ARG C 62 -18.47 -14.64 -7.70
C ARG C 62 -16.95 -14.47 -7.60
N PHE C 63 -16.42 -14.18 -6.42
CA PHE C 63 -14.99 -14.11 -6.21
C PHE C 63 -14.50 -15.40 -5.58
N SER C 64 -13.34 -15.87 -6.03
CA SER C 64 -12.79 -17.10 -5.46
C SER C 64 -11.28 -17.00 -5.39
N GLY C 65 -10.72 -17.18 -4.20
CA GLY C 65 -9.30 -17.37 -4.09
C GLY C 65 -8.91 -18.79 -4.41
N SER C 66 -7.63 -18.97 -4.71
CA SER C 66 -7.15 -20.30 -5.01
C SER C 66 -5.63 -20.32 -4.86
N GLY C 67 -5.09 -21.53 -4.76
CA GLY C 67 -3.65 -21.70 -4.84
C GLY C 67 -2.96 -21.54 -3.51
N SER C 68 -1.64 -21.72 -3.56
CA SER C 68 -0.81 -21.75 -2.36
C SER C 68 0.65 -21.85 -2.73
N GLY C 69 1.53 -21.36 -1.87
CA GLY C 69 2.95 -21.58 -2.04
C GLY C 69 3.62 -20.57 -2.95
N THR C 70 3.82 -20.96 -4.21
CA THR C 70 4.44 -20.06 -5.17
C THR C 70 3.47 -18.99 -5.62
N ASP C 71 2.21 -19.34 -5.84
CA ASP C 71 1.27 -18.36 -6.34
C ASP C 71 -0.11 -18.61 -5.77
N PHE C 72 -0.86 -17.52 -5.67
CA PHE C 72 -2.27 -17.53 -5.34
C PHE C 72 -2.99 -16.80 -6.45
N THR C 73 -4.27 -17.08 -6.60
CA THR C 73 -5.00 -16.55 -7.74
C THR C 73 -6.38 -16.13 -7.30
N LEU C 74 -6.74 -14.90 -7.63
CA LEU C 74 -8.11 -14.45 -7.47
C LEU C 74 -8.83 -14.68 -8.78
N THR C 75 -10.08 -15.15 -8.71
CA THR C 75 -10.83 -15.47 -9.91
C THR C 75 -12.24 -14.92 -9.81
N ILE C 76 -12.80 -14.61 -10.97
CA ILE C 76 -14.17 -14.12 -11.07
C ILE C 76 -14.92 -14.94 -12.11
N SER C 77 -16.14 -15.35 -11.77
CA SER C 77 -16.93 -16.18 -12.67
C SER C 77 -17.63 -15.34 -13.75
N ARG C 78 -18.53 -14.46 -13.33
CA ARG C 78 -19.31 -13.64 -14.25
C ARG C 78 -19.07 -12.17 -13.93
N LEU C 79 -18.60 -11.41 -14.91
CA LEU C 79 -18.09 -10.07 -14.66
C LEU C 79 -19.23 -9.08 -14.44
N GLU C 80 -18.85 -7.90 -13.95
CA GLU C 80 -19.75 -6.80 -13.64
C GLU C 80 -18.88 -5.57 -13.48
N PRO C 81 -19.29 -4.40 -14.02
CA PRO C 81 -18.39 -3.24 -13.96
C PRO C 81 -17.97 -2.85 -12.55
N GLU C 82 -18.84 -3.04 -11.56
CA GLU C 82 -18.45 -2.77 -10.19
C GLU C 82 -17.25 -3.61 -9.76
N ASP C 83 -17.01 -4.73 -10.45
CA ASP C 83 -15.82 -5.52 -10.18
C ASP C 83 -14.61 -4.99 -10.94
N PHE C 84 -14.81 -4.02 -11.83
CA PHE C 84 -13.69 -3.43 -12.55
C PHE C 84 -12.97 -2.44 -11.64
N ALA C 85 -11.80 -2.83 -11.15
CA ALA C 85 -11.01 -1.99 -10.26
C ALA C 85 -9.57 -2.46 -10.37
N VAL C 86 -8.72 -2.06 -9.43
CA VAL C 86 -7.35 -2.55 -9.36
C VAL C 86 -7.19 -3.36 -8.09
N TYR C 87 -6.76 -4.60 -8.26
CA TYR C 87 -6.65 -5.56 -7.13
C TYR C 87 -5.21 -5.64 -6.61
N TYR C 88 -5.07 -5.51 -5.29
CA TYR C 88 -3.79 -5.61 -4.63
C TYR C 88 -3.78 -6.86 -3.77
N CYS C 89 -2.84 -7.75 -4.02
CA CYS C 89 -2.63 -8.87 -3.12
C CYS C 89 -1.61 -8.42 -2.09
N GLN C 90 -1.92 -8.63 -0.83
CA GLN C 90 -0.92 -8.34 0.18
C GLN C 90 -0.81 -9.52 1.13
N HIS C 91 0.41 -9.90 1.42
CA HIS C 91 0.68 -11.00 2.32
C HIS C 91 1.06 -10.40 3.66
N TYR C 92 0.14 -10.47 4.62
CA TYR C 92 0.37 -9.85 5.92
C TYR C 92 1.42 -10.68 6.65
N GLY C 93 2.68 -10.41 6.32
CA GLY C 93 3.77 -11.05 7.02
C GLY C 93 4.04 -10.27 8.28
N SER C 94 5.26 -9.79 8.46
CA SER C 94 5.52 -8.83 9.53
C SER C 94 4.52 -7.69 9.45
N SER C 95 4.36 -7.14 8.26
CA SER C 95 3.41 -6.07 8.00
C SER C 95 3.13 -6.03 6.52
N PRO C 96 1.94 -5.62 6.10
CA PRO C 96 1.52 -5.84 4.72
C PRO C 96 2.56 -5.41 3.69
N THR C 97 2.68 -6.21 2.64
CA THR C 97 3.57 -5.97 1.52
C THR C 97 2.71 -6.09 0.29
N PHE C 98 2.07 -4.99 -0.11
CA PHE C 98 1.18 -5.03 -1.24
C PHE C 98 1.93 -5.31 -2.53
N GLY C 99 1.30 -6.06 -3.42
CA GLY C 99 1.77 -6.11 -4.78
C GLY C 99 1.51 -4.82 -5.52
N GLN C 100 2.18 -4.66 -6.65
CA GLN C 100 2.06 -3.42 -7.40
C GLN C 100 0.70 -3.25 -8.04
N GLY C 101 -0.23 -4.17 -7.81
CA GLY C 101 -1.58 -4.03 -8.31
C GLY C 101 -1.72 -4.55 -9.72
N THR C 102 -2.98 -4.70 -10.14
CA THR C 102 -3.28 -5.18 -11.48
C THR C 102 -4.57 -4.50 -11.94
N LYS C 103 -4.42 -3.41 -12.68
CA LYS C 103 -5.58 -2.76 -13.26
C LYS C 103 -6.39 -3.77 -14.04
N VAL C 104 -7.70 -3.79 -13.80
CA VAL C 104 -8.61 -4.63 -14.57
C VAL C 104 -9.48 -3.71 -15.39
N GLU C 105 -9.40 -3.85 -16.70
CA GLU C 105 -9.99 -2.91 -17.63
C GLU C 105 -10.84 -3.65 -18.64
N ILE C 106 -11.75 -2.91 -19.27
CA ILE C 106 -12.75 -3.48 -20.22
C ILE C 106 -12.14 -3.74 -21.60
N LYS C 107 -12.13 -5.02 -22.00
CA LYS C 107 -11.64 -5.43 -23.34
C LYS C 107 -12.44 -4.61 -24.35
N ARG C 108 -11.77 -3.99 -25.32
CA ARG C 108 -12.49 -3.14 -26.30
C ARG C 108 -11.82 -3.27 -27.67
N THR C 109 -12.62 -3.45 -28.72
CA THR C 109 -12.07 -3.58 -30.06
C THR C 109 -10.99 -2.52 -30.14
N VAL C 110 -9.86 -2.87 -30.76
CA VAL C 110 -8.73 -1.96 -30.81
C VAL C 110 -9.11 -0.73 -31.63
N ALA C 111 -8.64 0.43 -31.20
CA ALA C 111 -9.00 1.69 -31.83
C ALA C 111 -7.76 2.54 -32.08
N ALA C 112 -7.83 3.37 -33.11
CA ALA C 112 -6.66 4.09 -33.59
C ALA C 112 -6.48 5.38 -32.82
N PRO C 113 -5.40 5.55 -32.06
CA PRO C 113 -5.12 6.85 -31.46
C PRO C 113 -4.91 7.91 -32.52
N SER C 114 -5.40 9.11 -32.24
CA SER C 114 -5.12 10.26 -33.08
C SER C 114 -3.92 11.00 -32.51
N VAL C 115 -3.51 12.06 -33.20
CA VAL C 115 -2.37 12.85 -32.76
C VAL C 115 -2.52 14.29 -33.23
N PHE C 116 -2.49 15.23 -32.28
CA PHE C 116 -2.73 16.63 -32.55
C PHE C 116 -1.60 17.47 -31.96
N ILE C 117 -1.41 18.67 -32.50
CA ILE C 117 -0.27 19.51 -32.16
C ILE C 117 -0.77 20.87 -31.69
N PHE C 118 -0.13 21.38 -30.62
CA PHE C 118 -0.39 22.74 -30.14
C PHE C 118 0.94 23.33 -29.66
N PRO C 119 1.65 24.07 -30.51
CA PRO C 119 2.89 24.73 -30.08
C PRO C 119 2.58 25.95 -29.24
N PRO C 120 3.51 26.38 -28.39
CA PRO C 120 3.33 27.64 -27.67
C PRO C 120 3.47 28.83 -28.60
N SER C 121 3.04 29.99 -28.12
CA SER C 121 3.05 31.23 -28.90
C SER C 121 3.62 32.39 -28.10
N ASP C 122 3.49 33.61 -28.64
CA ASP C 122 4.20 34.76 -28.07
C ASP C 122 3.69 35.10 -26.68
N GLU C 123 2.37 35.01 -26.50
CA GLU C 123 1.76 35.27 -25.17
C GLU C 123 2.48 34.38 -24.15
N GLN C 124 2.82 33.15 -24.57
CA GLN C 124 3.53 32.19 -23.70
C GLN C 124 5.05 32.37 -23.81
N LEU C 125 5.53 32.88 -24.95
CA LEU C 125 6.97 33.07 -25.13
C LEU C 125 7.51 34.15 -24.19
N LYS C 126 6.78 35.26 -24.06
CA LYS C 126 7.26 36.40 -23.30
C LYS C 126 7.34 36.09 -21.81
N SER C 127 6.95 34.87 -21.42
CA SER C 127 7.20 34.37 -20.08
C SER C 127 8.51 33.61 -19.98
N GLY C 128 9.30 33.58 -21.05
CA GLY C 128 10.60 32.96 -21.03
C GLY C 128 10.59 31.45 -21.05
N THR C 129 9.45 30.82 -21.33
CA THR C 129 9.37 29.37 -21.33
C THR C 129 8.38 28.95 -22.41
N ALA C 130 8.63 27.78 -23.00
CA ALA C 130 7.81 27.24 -24.07
C ALA C 130 7.46 25.79 -23.78
N SER C 131 6.26 25.40 -24.19
CA SER C 131 5.76 24.05 -23.93
C SER C 131 4.85 23.62 -25.07
N VAL C 132 5.23 22.57 -25.78
CA VAL C 132 4.48 22.09 -26.92
C VAL C 132 3.53 21.00 -26.46
N VAL C 133 2.47 20.76 -27.24
CA VAL C 133 1.42 19.83 -26.87
C VAL C 133 1.27 18.79 -27.98
N CYS C 134 1.44 17.52 -27.62
CA CYS C 134 1.13 16.41 -28.51
C CYS C 134 -0.03 15.63 -27.91
N LEU C 135 -1.01 15.28 -28.74
CA LEU C 135 -2.31 14.81 -28.26
C LEU C 135 -2.72 13.51 -28.92
N LEU C 136 -3.39 12.66 -28.14
CA LEU C 136 -3.98 11.40 -28.58
C LEU C 136 -5.34 11.27 -27.92
N ASN C 137 -6.32 10.70 -28.64
CA ASN C 137 -7.71 10.73 -28.20
C ASN C 137 -8.30 9.33 -28.29
N ASN C 138 -8.62 8.75 -27.13
CA ASN C 138 -9.49 7.56 -26.99
C ASN C 138 -8.91 6.33 -27.69
N PHE C 139 -7.67 6.01 -27.39
CA PHE C 139 -7.10 4.80 -27.96
C PHE C 139 -7.27 3.63 -26.99
N TYR C 140 -6.85 2.45 -27.45
CA TYR C 140 -6.93 1.22 -26.68
C TYR C 140 -5.93 0.23 -27.26
N PRO C 141 -5.05 -0.36 -26.44
CA PRO C 141 -4.89 -0.17 -25.00
C PRO C 141 -3.73 0.75 -24.64
N ARG C 142 -3.40 0.81 -23.35
CA ARG C 142 -2.36 1.70 -22.86
C ARG C 142 -1.00 1.43 -23.49
N GLU C 143 -0.78 0.24 -24.04
CA GLU C 143 0.53 -0.11 -24.59
C GLU C 143 0.71 0.70 -25.88
N ALA C 144 1.07 1.97 -25.70
CA ALA C 144 1.26 2.90 -26.80
C ALA C 144 2.60 3.60 -26.64
N LYS C 145 3.15 4.05 -27.76
CA LYS C 145 4.48 4.63 -27.80
C LYS C 145 4.40 6.02 -28.41
N VAL C 146 4.92 7.01 -27.70
CA VAL C 146 5.01 8.36 -28.22
C VAL C 146 6.43 8.88 -27.99
N GLN C 147 7.01 9.47 -29.03
CA GLN C 147 8.32 10.07 -28.91
C GLN C 147 8.30 11.43 -29.60
N TRP C 148 9.24 12.27 -29.21
CA TRP C 148 9.33 13.64 -29.71
C TRP C 148 10.62 13.78 -30.50
N LYS C 149 10.48 13.97 -31.82
CA LYS C 149 11.61 14.19 -32.70
C LYS C 149 11.74 15.69 -32.96
N VAL C 150 12.79 16.29 -32.44
CA VAL C 150 13.19 17.64 -32.80
C VAL C 150 14.61 17.54 -33.35
N ASP C 151 14.81 18.07 -34.56
CA ASP C 151 15.97 17.73 -35.37
C ASP C 151 16.06 16.23 -35.61
N ASN C 152 14.92 15.54 -35.47
CA ASN C 152 14.86 14.08 -35.55
C ASN C 152 15.85 13.43 -34.59
N ALA C 153 16.03 14.07 -33.44
CA ALA C 153 16.91 13.58 -32.39
C ALA C 153 16.09 12.98 -31.25
N LEU C 154 16.77 12.65 -30.15
CA LEU C 154 16.12 12.14 -28.94
C LEU C 154 15.93 13.29 -27.97
N GLN C 155 14.74 13.88 -27.98
CA GLN C 155 14.41 14.92 -27.02
C GLN C 155 13.98 14.28 -25.70
N SER C 156 14.81 13.38 -25.18
CA SER C 156 14.43 12.60 -24.01
C SER C 156 14.55 13.43 -22.74
N GLY C 157 13.73 13.09 -21.76
CA GLY C 157 13.73 13.77 -20.48
C GLY C 157 12.95 15.06 -20.48
N ASN C 158 13.14 15.88 -21.52
CA ASN C 158 12.51 17.18 -21.63
C ASN C 158 11.00 17.11 -21.86
N SER C 159 10.41 15.93 -21.90
CA SER C 159 9.00 15.76 -22.22
C SER C 159 8.28 15.09 -21.06
N GLN C 160 7.07 15.55 -20.79
CA GLN C 160 6.21 15.02 -19.73
C GLN C 160 5.01 14.34 -20.36
N GLU C 161 4.77 13.10 -19.96
CA GLU C 161 3.65 12.30 -20.44
C GLU C 161 2.50 12.35 -19.46
N SER C 162 1.29 12.55 -19.97
CA SER C 162 0.08 12.52 -19.17
C SER C 162 -0.98 11.74 -19.91
N VAL C 163 -1.84 11.06 -19.17
CA VAL C 163 -2.85 10.20 -19.79
C VAL C 163 -4.01 9.99 -18.83
N THR C 164 -5.23 10.12 -19.34
CA THR C 164 -6.39 10.02 -18.49
C THR C 164 -6.55 8.61 -17.94
N GLU C 165 -7.36 8.48 -16.90
CA GLU C 165 -7.72 7.18 -16.38
C GLU C 165 -8.67 6.48 -17.34
N GLN C 166 -8.93 5.20 -17.08
CA GLN C 166 -9.86 4.45 -17.91
C GLN C 166 -11.23 5.13 -17.89
N ASP C 167 -11.83 5.27 -19.06
CA ASP C 167 -13.05 6.07 -19.21
C ASP C 167 -14.24 5.17 -18.89
N SER C 168 -14.86 5.40 -17.74
CA SER C 168 -15.96 4.54 -17.30
C SER C 168 -17.08 4.47 -18.33
N LYS C 169 -17.27 5.53 -19.11
CA LYS C 169 -18.33 5.53 -20.11
C LYS C 169 -18.05 4.52 -21.21
N ASP C 170 -16.85 4.55 -21.80
CA ASP C 170 -16.54 3.65 -22.89
C ASP C 170 -15.12 3.10 -22.86
N SER C 171 -14.43 3.18 -21.72
CA SER C 171 -13.15 2.48 -21.49
C SER C 171 -12.13 2.77 -22.61
N THR C 172 -11.71 4.02 -22.65
CA THR C 172 -10.72 4.47 -23.62
C THR C 172 -9.53 5.09 -22.90
N TYR C 173 -8.64 5.72 -23.68
CA TYR C 173 -7.42 6.32 -23.17
C TYR C 173 -7.07 7.51 -24.04
N SER C 174 -7.01 8.70 -23.45
CA SER C 174 -6.52 9.89 -24.14
C SER C 174 -5.23 10.34 -23.48
N LEU C 175 -4.29 10.86 -24.28
CA LEU C 175 -2.95 11.10 -23.77
C LEU C 175 -2.42 12.40 -24.35
N SER C 176 -1.43 12.98 -23.67
CA SER C 176 -0.75 14.17 -24.13
C SER C 176 0.68 14.15 -23.65
N SER C 177 1.49 15.00 -24.27
CA SER C 177 2.87 15.17 -23.87
C SER C 177 3.28 16.62 -24.10
N THR C 178 4.26 17.04 -23.30
CA THR C 178 4.64 18.45 -23.28
C THR C 178 6.13 18.61 -23.07
N LEU C 179 6.78 19.42 -23.92
CA LEU C 179 8.23 19.61 -23.89
C LEU C 179 8.58 20.95 -23.24
N THR C 180 9.52 20.92 -22.30
CA THR C 180 9.85 22.07 -21.46
C THR C 180 11.08 22.77 -22.04
N LEU C 181 10.87 23.73 -22.94
CA LEU C 181 11.97 24.45 -23.55
C LEU C 181 12.02 25.87 -23.03
N SER C 182 13.14 26.55 -23.30
CA SER C 182 13.23 27.98 -23.05
C SER C 182 12.79 28.73 -24.30
N LYS C 183 12.79 30.06 -24.21
CA LYS C 183 12.56 30.86 -25.41
C LYS C 183 13.70 30.69 -26.41
N ALA C 184 14.94 30.68 -25.91
CA ALA C 184 16.07 30.43 -26.80
C ALA C 184 16.01 29.03 -27.39
N ASP C 185 15.59 28.05 -26.58
CA ASP C 185 15.46 26.69 -27.09
C ASP C 185 14.45 26.62 -28.22
N TYR C 186 13.34 27.34 -28.08
CA TYR C 186 12.34 27.39 -29.15
C TYR C 186 12.90 28.12 -30.38
N GLU C 187 13.64 29.21 -30.17
CA GLU C 187 14.11 30.01 -31.29
C GLU C 187 15.15 29.27 -32.11
N LYS C 188 16.07 28.56 -31.44
CA LYS C 188 17.21 27.96 -32.13
C LYS C 188 16.76 27.02 -33.24
N HIS C 189 15.86 26.09 -32.93
CA HIS C 189 15.56 24.99 -33.82
C HIS C 189 14.44 25.35 -34.78
N LYS C 190 14.21 24.48 -35.75
CA LYS C 190 13.33 24.75 -36.88
C LYS C 190 12.13 23.82 -36.94
N VAL C 191 12.36 22.50 -36.93
CA VAL C 191 11.31 21.51 -37.10
C VAL C 191 10.99 20.92 -35.73
N TYR C 192 9.72 20.62 -35.52
CA TYR C 192 9.28 19.91 -34.32
C TYR C 192 8.24 18.89 -34.74
N ALA C 193 8.35 17.67 -34.21
CA ALA C 193 7.40 16.64 -34.58
C ALA C 193 7.25 15.67 -33.43
N CYS C 194 6.07 15.10 -33.29
CA CYS C 194 5.87 13.99 -32.37
C CYS C 194 5.33 12.80 -33.14
N GLU C 195 5.92 11.64 -32.89
CA GLU C 195 5.52 10.40 -33.55
C GLU C 195 4.89 9.48 -32.52
N VAL C 196 3.95 8.67 -32.99
CA VAL C 196 3.24 7.72 -32.16
C VAL C 196 3.15 6.39 -32.91
N THR C 197 3.41 5.30 -32.19
CA THR C 197 3.23 3.95 -32.68
C THR C 197 2.37 3.19 -31.69
N HIS C 198 1.29 2.58 -32.15
CA HIS C 198 0.37 1.90 -31.27
C HIS C 198 0.03 0.52 -31.82
N GLN C 199 -0.45 -0.33 -30.92
CA GLN C 199 -1.07 -1.58 -31.32
C GLN C 199 -2.39 -1.35 -32.05
N GLY C 200 -2.81 -0.09 -32.23
CA GLY C 200 -4.02 0.24 -32.92
C GLY C 200 -3.80 0.72 -34.34
N LEU C 201 -2.53 0.84 -34.73
CA LEU C 201 -2.18 1.25 -36.08
C LEU C 201 -0.93 0.50 -36.52
N SER C 202 -0.72 0.45 -37.84
CA SER C 202 0.38 -0.31 -38.42
C SER C 202 1.56 0.55 -38.83
N SER C 203 1.54 1.84 -38.54
CA SER C 203 2.60 2.74 -38.98
C SER C 203 2.92 3.74 -37.88
N PRO C 204 4.16 4.22 -37.82
CA PRO C 204 4.55 5.27 -36.85
C PRO C 204 4.06 6.65 -37.27
N VAL C 205 2.80 6.94 -36.98
CA VAL C 205 2.18 8.16 -37.47
C VAL C 205 2.80 9.37 -36.76
N THR C 206 3.26 10.34 -37.56
CA THR C 206 4.02 11.47 -37.04
C THR C 206 3.36 12.77 -37.49
N LYS C 207 3.31 13.74 -36.58
CA LYS C 207 2.93 15.10 -36.93
C LYS C 207 4.14 16.02 -36.81
N SER C 208 4.37 16.80 -37.88
CA SER C 208 5.53 17.65 -38.04
C SER C 208 5.10 19.08 -38.33
N PHE C 209 5.93 20.03 -37.92
CA PHE C 209 5.67 21.43 -38.22
C PHE C 209 6.95 22.25 -38.06
N ASN C 210 7.18 23.14 -39.01
CA ASN C 210 8.28 24.09 -38.92
C ASN C 210 7.98 25.16 -37.88
N ARG C 211 9.03 25.66 -37.25
CA ARG C 211 8.90 26.75 -36.30
C ARG C 211 8.31 27.98 -36.97
N GLY C 212 7.47 28.71 -36.23
CA GLY C 212 6.84 29.91 -36.74
C GLY C 212 5.74 29.68 -37.75
N GLU C 213 5.60 28.47 -38.30
CA GLU C 213 4.58 28.20 -39.29
C GLU C 213 3.29 27.78 -38.62
N CYS C 214 2.19 28.45 -38.98
CA CYS C 214 0.89 28.22 -38.36
C CYS C 214 0.01 27.32 -39.22
#